data_9JA6
#
_entry.id   9JA6
#
_cell.length_a   1.00
_cell.length_b   1.00
_cell.length_c   1.00
_cell.angle_alpha   90.00
_cell.angle_beta   90.00
_cell.angle_gamma   90.00
#
_symmetry.space_group_name_H-M   'P 1'
#
_entity_poly.entity_id   1
_entity_poly.type   'polypeptide(L)'
_entity_poly.pdbx_seq_one_letter_code
;MSEEDNRLNELFANDLGVQPPCERSLKEGRRFLNDFEIAAKKKLLELERKALEDKEKNLNFVVESERTLFNSKKRAFDND
ECYNDRCKLFRGIVNEWGRSERTLDSLDEPPAWFRREMGEWKKAREEDKEWRKSTDERLENLLNIVREILDVQRDMRNDL
SNLTRKVDRMDMRLSRNNNMIMRSFRQPITEVPFFNGDIPDPNLPRITRIEDIDSLSEENCTRYLKGYGVSYDENDQSLW
KRQLAKAVGLTAAYDASYTFSPFSSSESGGGSSGGGSTYKLILNGKTLKGETTTEAVDAATAEKVFKQYANDNGVDGEWT
YDDATKTFTVTE
;
_entity_poly.pdbx_strand_id   A,B,C,D
#
# COMPACT_ATOMS: atom_id res chain seq x y z
N MET A 118 -44.48 37.65 39.07
CA MET A 118 -44.61 36.20 39.14
C MET A 118 -45.15 35.63 37.84
N GLY A 119 -46.03 36.38 37.18
CA GLY A 119 -46.41 36.03 35.81
C GLY A 119 -45.17 35.84 34.96
N GLU A 120 -44.38 36.91 34.82
CA GLU A 120 -43.17 36.86 34.03
C GLU A 120 -42.29 35.69 34.42
N TRP A 121 -42.20 35.41 35.72
CA TRP A 121 -41.50 34.21 36.18
C TRP A 121 -42.06 32.97 35.49
N LYS A 122 -43.38 32.85 35.44
CA LYS A 122 -43.99 31.68 34.83
C LYS A 122 -43.72 31.59 33.33
N LYS A 123 -43.93 32.68 32.59
CA LYS A 123 -43.65 32.61 31.16
C LYS A 123 -42.17 32.35 30.92
N ALA A 124 -41.34 32.96 31.76
CA ALA A 124 -39.94 32.79 31.61
C ALA A 124 -39.66 31.34 31.79
N ARG A 125 -40.31 30.77 32.81
CA ARG A 125 -40.10 29.37 33.12
C ARG A 125 -40.41 28.52 31.90
N GLU A 126 -41.51 28.83 31.22
CA GLU A 126 -41.88 28.01 30.08
C GLU A 126 -40.87 28.11 28.96
N GLU A 127 -40.38 29.32 28.70
CA GLU A 127 -39.48 29.51 27.59
C GLU A 127 -38.28 28.69 27.89
N ASP A 128 -37.85 28.72 29.15
CA ASP A 128 -36.72 27.92 29.56
C ASP A 128 -36.96 26.46 29.20
N LYS A 129 -38.13 25.95 29.54
CA LYS A 129 -38.45 24.56 29.24
C LYS A 129 -38.33 24.31 27.75
N GLU A 130 -38.90 25.19 26.93
CA GLU A 130 -38.73 25.05 25.49
C GLU A 130 -37.25 25.08 25.13
N TRP A 131 -36.50 26.00 25.74
CA TRP A 131 -35.06 26.02 25.55
C TRP A 131 -34.45 24.67 25.90
N ARG A 132 -34.95 24.04 26.95
CA ARG A 132 -34.50 22.72 27.30
C ARG A 132 -34.73 21.75 26.15
N LYS A 133 -35.86 21.87 25.48
CA LYS A 133 -36.17 20.93 24.42
C LYS A 133 -35.19 21.06 23.27
N SER A 134 -34.91 22.29 22.85
CA SER A 134 -33.88 22.51 21.85
C SER A 134 -32.56 21.91 22.28
N THR A 135 -32.15 22.20 23.51
CA THR A 135 -30.93 21.61 24.03
C THR A 135 -30.96 20.10 23.90
N ASP A 136 -32.09 19.50 24.28
CA ASP A 136 -32.19 18.05 24.29
C ASP A 136 -32.06 17.46 22.90
N GLU A 137 -32.75 18.05 21.93
CA GLU A 137 -32.73 17.50 20.59
C GLU A 137 -31.36 17.66 19.95
N ARG A 138 -30.68 18.78 20.21
CA ARG A 138 -29.32 18.91 19.75
C ARG A 138 -28.41 17.88 20.40
N LEU A 139 -28.64 17.59 21.69
CA LEU A 139 -27.87 16.55 22.34
C LEU A 139 -28.09 15.21 21.66
N GLU A 140 -29.33 14.93 21.28
CA GLU A 140 -29.60 13.72 20.52
C GLU A 140 -28.89 13.75 19.18
N ASN A 141 -28.83 14.93 18.57
CA ASN A 141 -28.06 15.10 17.35
C ASN A 141 -26.63 14.66 17.54
N LEU A 142 -26.01 15.11 18.63
CA LEU A 142 -24.67 14.67 18.96
C LEU A 142 -24.63 13.16 19.12
N LEU A 143 -25.57 12.62 19.88
CA LEU A 143 -25.58 11.18 20.13
C LEU A 143 -25.58 10.38 18.84
N ASN A 144 -26.56 10.61 17.97
CA ASN A 144 -26.63 9.75 16.80
C ASN A 144 -25.48 10.04 15.84
N ILE A 145 -25.06 11.30 15.72
CA ILE A 145 -23.99 11.58 14.78
C ILE A 145 -22.71 10.88 15.20
N VAL A 146 -22.41 10.89 16.50
CA VAL A 146 -21.20 10.22 16.94
C VAL A 146 -21.38 8.71 16.88
N ARG A 147 -22.62 8.23 17.00
CA ARG A 147 -22.84 6.81 16.74
C ARG A 147 -22.43 6.45 15.33
N GLU A 148 -22.93 7.18 14.34
CA GLU A 148 -22.55 6.88 12.97
C GLU A 148 -21.05 6.98 12.80
N ILE A 149 -20.42 7.96 13.46
CA ILE A 149 -18.97 8.08 13.33
C ILE A 149 -18.29 6.84 13.86
N LEU A 150 -18.74 6.35 15.03
CA LEU A 150 -18.14 5.15 15.58
C LEU A 150 -18.29 3.99 14.63
N ASP A 151 -19.46 3.84 14.02
CA ASP A 151 -19.67 2.72 13.10
C ASP A 151 -18.77 2.87 11.88
N VAL A 152 -18.66 4.08 11.35
CA VAL A 152 -17.83 4.32 10.17
C VAL A 152 -16.38 4.00 10.49
N GLN A 153 -15.92 4.32 11.69
CA GLN A 153 -14.55 4.02 12.05
C GLN A 153 -14.35 2.53 12.23
N ARG A 154 -15.33 1.85 12.82
CA ARG A 154 -15.29 0.39 12.86
C ARG A 154 -15.06 -0.18 11.46
N ASP A 155 -15.90 0.22 10.51
CA ASP A 155 -15.81 -0.34 9.18
C ASP A 155 -14.53 0.06 8.45
N MET A 156 -14.04 1.27 8.66
CA MET A 156 -12.75 1.62 8.11
C MET A 156 -11.65 0.74 8.68
N ARG A 157 -11.69 0.47 9.98
CA ARG A 157 -10.70 -0.41 10.55
C ARG A 157 -10.75 -1.78 9.88
N ASN A 158 -11.95 -2.28 9.63
CA ASN A 158 -12.08 -3.56 8.93
C ASN A 158 -11.47 -3.47 7.54
N ASP A 159 -11.75 -2.36 6.84
CA ASP A 159 -11.20 -2.17 5.50
C ASP A 159 -9.68 -2.16 5.53
N LEU A 160 -9.09 -1.51 6.53
CA LEU A 160 -7.64 -1.41 6.59
C LEU A 160 -7.02 -2.76 6.89
N SER A 161 -7.63 -3.53 7.81
CA SER A 161 -7.20 -4.90 7.99
C SER A 161 -7.22 -5.66 6.68
N ASN A 162 -8.29 -5.50 5.91
CA ASN A 162 -8.35 -6.15 4.60
C ASN A 162 -7.14 -5.75 3.76
N LEU A 163 -6.85 -4.46 3.71
CA LEU A 163 -5.77 -4.01 2.84
C LEU A 163 -4.43 -4.55 3.31
N THR A 164 -4.25 -4.66 4.62
CA THR A 164 -2.99 -5.20 5.14
C THR A 164 -2.81 -6.64 4.71
N ARG A 165 -3.82 -7.47 4.94
CA ARG A 165 -3.74 -8.83 4.44
C ARG A 165 -3.39 -8.86 2.96
N LYS A 166 -4.03 -8.01 2.15
CA LYS A 166 -3.79 -8.10 0.72
C LYS A 166 -2.37 -7.71 0.35
N VAL A 167 -1.83 -6.67 0.97
CA VAL A 167 -0.47 -6.27 0.63
C VAL A 167 0.51 -7.37 1.02
N ASP A 168 0.34 -7.96 2.20
CA ASP A 168 1.26 -9.01 2.59
C ASP A 168 1.17 -10.19 1.63
N ARG A 169 -0.04 -10.60 1.28
CA ARG A 169 -0.22 -11.63 0.28
C ARG A 169 0.62 -11.36 -0.95
N MET A 170 0.43 -10.19 -1.56
CA MET A 170 1.14 -9.88 -2.79
C MET A 170 2.65 -9.94 -2.57
N ASP A 171 3.09 -9.52 -1.39
CA ASP A 171 4.53 -9.58 -1.10
C ASP A 171 5.04 -11.00 -1.22
N MET A 172 4.37 -11.92 -0.54
CA MET A 172 4.75 -13.32 -0.66
C MET A 172 4.79 -13.73 -2.12
N ARG A 173 3.76 -13.35 -2.88
CA ARG A 173 3.65 -13.81 -4.26
C ARG A 173 4.86 -13.37 -5.08
N LEU A 174 5.21 -12.09 -4.99
CA LEU A 174 6.30 -11.62 -5.84
C LEU A 174 7.63 -12.17 -5.40
N SER A 175 7.87 -12.25 -4.10
CA SER A 175 9.11 -12.89 -3.66
C SER A 175 9.24 -14.28 -4.27
N ARG A 176 8.18 -15.08 -4.16
CA ARG A 176 8.26 -16.42 -4.73
C ARG A 176 8.57 -16.36 -6.21
N ASN A 177 7.72 -15.66 -6.97
CA ASN A 177 7.85 -15.72 -8.42
C ASN A 177 9.21 -15.23 -8.87
N ASN A 178 9.84 -14.34 -8.11
CA ASN A 178 11.18 -13.92 -8.50
C ASN A 178 12.21 -14.99 -8.20
N ASN A 179 12.11 -15.65 -7.05
CA ASN A 179 12.98 -16.82 -6.87
C ASN A 179 12.80 -17.79 -8.01
N MET A 180 11.58 -17.86 -8.55
CA MET A 180 11.34 -18.80 -9.63
C MET A 180 12.25 -18.53 -10.83
N ILE A 181 12.18 -17.34 -11.42
CA ILE A 181 13.08 -17.03 -12.52
C ILE A 181 14.51 -17.21 -12.09
N MET A 182 14.86 -16.69 -10.92
CA MET A 182 16.24 -16.73 -10.47
C MET A 182 16.77 -18.16 -10.46
N ARG A 183 15.90 -19.13 -10.21
CA ARG A 183 16.35 -20.51 -10.17
C ARG A 183 16.86 -21.01 -11.51
N SER A 184 16.43 -20.39 -12.61
CA SER A 184 16.82 -20.89 -13.93
C SER A 184 18.29 -20.69 -14.21
N PHE A 185 18.99 -19.87 -13.42
CA PHE A 185 20.39 -19.58 -13.69
C PHE A 185 21.33 -20.14 -12.65
N ARG A 186 20.96 -21.22 -11.98
CA ARG A 186 21.78 -21.80 -10.91
C ARG A 186 22.13 -20.76 -9.85
N GLN A 187 21.18 -19.88 -9.56
CA GLN A 187 21.39 -18.86 -8.55
C GLN A 187 20.64 -19.20 -7.28
N PRO A 188 21.24 -18.92 -6.13
CA PRO A 188 20.58 -19.26 -4.86
C PRO A 188 19.31 -18.46 -4.68
N ILE A 189 18.36 -19.07 -3.98
CA ILE A 189 17.08 -18.43 -3.68
C ILE A 189 17.21 -17.58 -2.43
N THR A 190 16.20 -16.75 -2.18
CA THR A 190 16.18 -15.90 -1.00
C THR A 190 15.05 -16.33 -0.08
N GLU A 191 15.10 -15.83 1.15
CA GLU A 191 14.09 -16.16 2.15
C GLU A 191 12.76 -15.59 1.69
N VAL A 192 11.67 -16.04 2.31
CA VAL A 192 10.33 -15.66 1.86
C VAL A 192 9.48 -15.30 3.06
N PRO A 193 8.67 -14.26 3.00
CA PRO A 193 7.89 -13.88 4.17
C PRO A 193 6.74 -14.85 4.38
N PHE A 194 6.11 -14.73 5.54
CA PHE A 194 4.95 -15.55 5.83
C PHE A 194 3.67 -14.80 5.50
N PHE A 195 2.61 -15.56 5.33
CA PHE A 195 1.30 -15.06 4.94
C PHE A 195 0.82 -13.91 5.83
N ASN A 196 1.45 -13.74 6.99
CA ASN A 196 1.11 -12.64 7.89
C ASN A 196 2.19 -11.57 7.96
N GLY A 197 3.32 -11.77 7.29
CA GLY A 197 4.32 -10.74 7.14
C GLY A 197 5.64 -10.96 7.85
N ASP A 198 5.65 -11.51 9.06
CA ASP A 198 6.87 -11.68 9.83
C ASP A 198 7.88 -12.52 9.05
N ILE A 199 9.12 -12.45 9.48
CA ILE A 199 10.12 -13.40 9.00
C ILE A 199 9.85 -14.69 9.77
N PRO A 200 10.16 -15.86 9.20
CA PRO A 200 9.88 -17.12 9.89
C PRO A 200 10.54 -17.19 11.25
N ASP A 201 10.19 -18.24 12.00
CA ASP A 201 10.85 -18.44 13.28
C ASP A 201 12.36 -18.57 13.08
N PRO A 202 13.16 -17.65 13.60
CA PRO A 202 14.59 -17.64 13.27
C PRO A 202 15.32 -18.90 13.70
N ASN A 203 14.71 -19.73 14.53
CA ASN A 203 15.23 -21.07 14.74
C ASN A 203 14.95 -21.99 13.56
N LEU A 204 14.03 -21.61 12.67
CA LEU A 204 13.70 -22.48 11.57
C LEU A 204 14.67 -22.24 10.41
N PRO A 205 15.30 -23.28 9.93
CA PRO A 205 16.46 -23.11 9.05
C PRO A 205 16.10 -22.39 7.76
N ARG A 206 16.89 -21.40 7.39
CA ARG A 206 16.66 -20.71 6.12
C ARG A 206 16.90 -21.67 4.96
N ILE A 207 16.25 -21.39 3.83
CA ILE A 207 16.16 -22.34 2.73
C ILE A 207 17.00 -21.81 1.57
N THR A 208 17.80 -22.68 0.96
CA THR A 208 18.69 -22.26 -0.13
C THR A 208 18.58 -23.12 -1.36
N ARG A 209 18.27 -24.41 -1.21
CA ARG A 209 18.17 -25.30 -2.35
C ARG A 209 17.38 -26.53 -1.92
N ILE A 210 17.28 -27.48 -2.83
CA ILE A 210 16.28 -28.51 -2.68
C ILE A 210 16.65 -29.51 -1.60
N GLU A 211 17.89 -29.99 -1.59
CA GLU A 211 18.30 -30.97 -0.60
C GLU A 211 18.12 -30.43 0.82
N ASP A 212 18.25 -29.12 0.98
CA ASP A 212 17.94 -28.49 2.27
C ASP A 212 16.55 -28.91 2.74
N ILE A 213 15.56 -28.78 1.87
CA ILE A 213 14.24 -29.28 2.19
C ILE A 213 14.30 -30.78 2.40
N ASP A 214 14.89 -31.52 1.46
CA ASP A 214 14.82 -32.97 1.50
C ASP A 214 15.43 -33.55 2.77
N SER A 215 16.12 -32.74 3.55
CA SER A 215 16.70 -33.20 4.81
C SER A 215 15.89 -32.74 6.02
N LEU A 216 14.79 -32.03 5.82
CA LEU A 216 14.11 -31.39 6.95
C LEU A 216 13.30 -32.40 7.74
N SER A 217 12.99 -32.04 8.99
CA SER A 217 12.13 -32.86 9.83
C SER A 217 10.66 -32.63 9.47
N GLU A 218 9.83 -33.62 9.84
CA GLU A 218 8.42 -33.58 9.44
C GLU A 218 7.69 -32.43 10.13
N GLU A 219 7.87 -32.28 11.43
CA GLU A 219 7.18 -31.19 12.13
C GLU A 219 7.55 -29.85 11.53
N ASN A 220 8.82 -29.70 11.15
CA ASN A 220 9.23 -28.45 10.51
C ASN A 220 8.55 -28.29 9.17
N CYS A 221 8.38 -29.39 8.44
CA CYS A 221 7.64 -29.33 7.19
C CYS A 221 6.24 -28.79 7.43
N THR A 222 5.56 -29.32 8.44
CA THR A 222 4.23 -28.83 8.74
C THR A 222 4.27 -27.36 9.12
N ARG A 223 5.21 -26.98 9.97
CA ARG A 223 5.36 -25.57 10.31
C ARG A 223 5.42 -24.72 9.06
N TYR A 224 6.37 -25.02 8.19
CA TYR A 224 6.47 -24.31 6.92
C TYR A 224 5.13 -24.25 6.22
N LEU A 225 4.56 -25.43 5.91
CA LEU A 225 3.31 -25.46 5.17
C LEU A 225 2.29 -24.53 5.78
N LYS A 226 2.31 -24.40 7.10
CA LYS A 226 1.44 -23.42 7.72
C LYS A 226 1.90 -22.01 7.39
N GLY A 227 3.22 -21.79 7.38
CA GLY A 227 3.74 -20.47 7.15
C GLY A 227 3.37 -19.91 5.78
N TYR A 228 3.09 -20.78 4.83
CA TYR A 228 2.74 -20.33 3.50
C TYR A 228 1.26 -20.47 3.20
N GLY A 229 0.44 -20.73 4.22
CA GLY A 229 -0.99 -20.79 4.01
C GLY A 229 -1.45 -21.77 2.96
N VAL A 230 -0.73 -22.84 2.71
CA VAL A 230 -1.15 -23.83 1.74
C VAL A 230 -1.51 -25.12 2.46
N SER A 231 -2.69 -25.66 2.17
CA SER A 231 -3.22 -26.78 2.93
C SER A 231 -2.71 -28.10 2.37
N TYR A 232 -2.45 -29.04 3.26
CA TYR A 232 -1.95 -30.35 2.93
C TYR A 232 -2.80 -31.40 3.61
N ASP A 233 -2.47 -32.66 3.38
CA ASP A 233 -3.16 -33.77 4.02
C ASP A 233 -2.28 -34.36 5.12
N GLU A 234 -2.89 -34.70 6.24
CA GLU A 234 -2.15 -35.17 7.40
C GLU A 234 -1.55 -36.56 7.20
N ASN A 235 -1.99 -37.29 6.19
CA ASN A 235 -1.53 -38.65 5.96
C ASN A 235 -0.58 -38.76 4.78
N ASP A 236 -0.79 -37.97 3.75
CA ASP A 236 0.00 -38.04 2.51
C ASP A 236 1.25 -37.20 2.72
N GLN A 237 2.27 -37.81 3.32
CA GLN A 237 3.57 -37.17 3.37
C GLN A 237 4.13 -36.95 1.98
N SER A 238 3.76 -37.80 1.03
CA SER A 238 4.44 -37.86 -0.26
C SER A 238 4.38 -36.54 -1.02
N LEU A 239 3.40 -35.69 -0.73
CA LEU A 239 3.25 -34.50 -1.54
C LEU A 239 3.74 -33.26 -0.82
N TRP A 240 4.05 -33.38 0.48
CA TRP A 240 4.53 -32.23 1.23
C TRP A 240 5.71 -31.58 0.53
N LYS A 241 6.77 -32.35 0.30
CA LYS A 241 7.99 -31.77 -0.20
C LYS A 241 7.77 -31.10 -1.54
N ARG A 242 7.09 -31.79 -2.45
CA ARG A 242 6.85 -31.18 -3.75
C ARG A 242 6.03 -29.91 -3.62
N GLN A 243 5.00 -29.91 -2.78
CA GLN A 243 4.15 -28.73 -2.74
C GLN A 243 4.87 -27.58 -2.08
N LEU A 244 5.73 -27.87 -1.12
CA LEU A 244 6.53 -26.81 -0.51
C LEU A 244 7.48 -26.21 -1.53
N ALA A 245 8.14 -27.06 -2.30
CA ALA A 245 8.96 -26.57 -3.39
C ALA A 245 8.15 -25.64 -4.27
N LYS A 246 7.02 -26.11 -4.78
CA LYS A 246 6.19 -25.29 -5.64
C LYS A 246 5.71 -24.04 -4.94
N ALA A 247 5.74 -24.02 -3.61
CA ALA A 247 5.35 -22.81 -2.92
C ALA A 247 6.47 -21.79 -2.92
N VAL A 248 7.69 -22.20 -2.60
CA VAL A 248 8.78 -21.23 -2.58
C VAL A 248 9.26 -20.86 -3.96
N GLY A 249 9.25 -21.80 -4.90
CA GLY A 249 9.63 -21.52 -6.26
C GLY A 249 10.66 -22.44 -6.86
N LEU A 250 11.02 -23.53 -6.20
CA LEU A 250 12.01 -24.44 -6.74
C LEU A 250 11.37 -25.11 -7.96
N THR A 251 11.69 -24.59 -9.14
CA THR A 251 10.92 -24.90 -10.32
C THR A 251 11.75 -25.43 -11.49
N ALA A 252 13.08 -25.37 -11.41
CA ALA A 252 13.91 -25.68 -12.55
C ALA A 252 13.72 -27.12 -13.02
N ALA A 253 14.26 -27.41 -14.19
CA ALA A 253 14.20 -28.76 -14.73
C ALA A 253 14.83 -29.76 -13.78
N TYR A 254 16.00 -29.44 -13.24
CA TYR A 254 16.58 -30.31 -12.23
C TYR A 254 15.67 -30.38 -11.01
N ASP A 255 14.99 -29.28 -10.69
CA ASP A 255 14.06 -29.29 -9.57
C ASP A 255 12.94 -30.28 -9.80
N ALA A 256 12.61 -30.54 -11.07
CA ALA A 256 11.64 -31.58 -11.36
C ALA A 256 12.26 -32.97 -11.34
N SER A 257 13.47 -33.13 -11.89
CA SER A 257 14.06 -34.44 -12.02
C SER A 257 14.56 -35.03 -10.70
N TYR A 258 14.78 -34.20 -9.69
CA TYR A 258 15.27 -34.69 -8.41
C TYR A 258 14.16 -35.47 -7.71
N THR A 259 14.55 -36.49 -6.95
CA THR A 259 13.60 -37.31 -6.21
C THR A 259 13.76 -37.04 -4.71
N PHE A 260 12.64 -36.72 -4.07
CA PHE A 260 12.65 -36.47 -2.63
C PHE A 260 12.94 -37.75 -1.87
N SER A 261 13.53 -37.60 -0.69
CA SER A 261 13.78 -38.75 0.15
C SER A 261 12.66 -38.90 1.17
N PRO A 262 12.44 -40.10 1.70
CA PRO A 262 11.44 -40.28 2.76
C PRO A 262 11.98 -39.85 4.11
N PHE A 263 11.07 -39.69 5.06
CA PHE A 263 11.45 -39.27 6.40
C PHE A 263 12.04 -40.44 7.20
N SER A 264 12.50 -40.11 8.39
CA SER A 264 13.09 -41.11 9.28
C SER A 264 12.02 -41.94 9.97
N MET B 118 -46.86 28.14 44.15
CA MET B 118 -45.56 27.77 44.70
C MET B 118 -45.40 26.25 44.74
N GLY B 119 -46.51 25.53 44.97
CA GLY B 119 -46.49 24.08 44.76
C GLY B 119 -45.95 23.76 43.39
N GLU B 120 -46.65 24.23 42.35
CA GLU B 120 -46.24 23.98 40.97
C GLU B 120 -44.78 24.35 40.76
N TRP B 121 -44.34 25.46 41.35
CA TRP B 121 -42.92 25.81 41.32
C TRP B 121 -42.07 24.65 41.82
N LYS B 122 -42.47 24.06 42.95
CA LYS B 122 -41.69 22.97 43.52
C LYS B 122 -41.69 21.73 42.63
N LYS B 123 -42.85 21.30 42.16
CA LYS B 123 -42.85 20.13 41.28
C LYS B 123 -42.09 20.41 40.00
N ALA B 124 -42.25 21.62 39.50
CA ALA B 124 -41.59 21.98 38.29
C ALA B 124 -40.14 21.89 38.56
N ARG B 125 -39.75 22.41 39.73
CA ARG B 125 -38.35 22.38 40.10
C ARG B 125 -37.85 20.97 40.06
N GLU B 126 -38.64 20.04 40.59
CA GLU B 126 -38.17 18.67 40.65
C GLU B 126 -37.99 18.08 39.27
N GLU B 127 -38.98 18.28 38.41
CA GLU B 127 -38.89 17.79 37.04
C GLU B 127 -37.59 18.23 36.42
N ASP B 128 -37.23 19.49 36.62
CA ASP B 128 -36.03 20.01 36.01
C ASP B 128 -34.83 19.26 36.53
N LYS B 129 -34.82 18.97 37.82
CA LYS B 129 -33.74 18.21 38.40
C LYS B 129 -33.62 16.88 37.69
N GLU B 130 -34.75 16.21 37.49
CA GLU B 130 -34.73 14.96 36.72
C GLU B 130 -34.24 15.22 35.30
N TRP B 131 -34.73 16.30 34.69
CA TRP B 131 -34.23 16.70 33.38
C TRP B 131 -32.72 16.87 33.42
N ARG B 132 -32.22 17.44 34.50
CA ARG B 132 -30.78 17.56 34.66
C ARG B 132 -30.11 16.20 34.60
N LYS B 133 -30.73 15.20 35.22
CA LYS B 133 -30.10 13.88 35.27
C LYS B 133 -29.98 13.29 33.87
N SER B 134 -31.07 13.36 33.10
CA SER B 134 -31.00 12.94 31.70
C SER B 134 -29.89 13.66 30.96
N THR B 135 -29.87 14.98 31.10
CA THR B 135 -28.80 15.75 30.46
C THR B 135 -27.44 15.22 30.88
N ASP B 136 -27.27 14.95 32.17
CA ASP B 136 -25.98 14.53 32.68
C ASP B 136 -25.55 13.20 32.10
N GLU B 137 -26.46 12.23 32.07
CA GLU B 137 -26.11 10.90 31.61
C GLU B 137 -25.81 10.91 30.11
N ARG B 138 -26.56 11.71 29.35
CA ARG B 138 -26.21 11.86 27.94
C ARG B 138 -24.85 12.52 27.77
N LEU B 139 -24.52 13.48 28.63
CA LEU B 139 -23.20 14.07 28.58
C LEU B 139 -22.13 13.02 28.84
N GLU B 140 -22.39 12.13 29.80
CA GLU B 140 -21.46 11.03 30.02
C GLU B 140 -21.39 10.12 28.80
N ASN B 141 -22.52 9.93 28.13
CA ASN B 141 -22.53 9.18 26.88
C ASN B 141 -21.56 9.80 25.89
N LEU B 142 -21.62 11.12 25.73
CA LEU B 142 -20.66 11.81 24.88
C LEU B 142 -19.24 11.56 25.35
N LEU B 143 -19.01 11.71 26.66
CA LEU B 143 -17.67 11.53 27.19
C LEU B 143 -17.08 10.19 26.81
N ASN B 144 -17.76 9.10 27.18
CA ASN B 144 -17.13 7.82 26.95
C ASN B 144 -17.08 7.49 25.46
N ILE B 145 -18.11 7.89 24.69
CA ILE B 145 -18.07 7.54 23.28
C ILE B 145 -16.88 8.22 22.60
N VAL B 146 -16.63 9.48 22.94
CA VAL B 146 -15.51 10.16 22.31
C VAL B 146 -14.19 9.62 22.87
N ARG B 147 -14.21 9.12 24.10
CA ARG B 147 -13.02 8.42 24.58
C ARG B 147 -12.69 7.23 23.70
N GLU B 148 -13.67 6.37 23.46
CA GLU B 148 -13.42 5.23 22.59
C GLU B 148 -12.97 5.68 21.22
N ILE B 149 -13.55 6.76 20.71
CA ILE B 149 -13.14 7.24 19.40
C ILE B 149 -11.66 7.65 19.43
N LEU B 150 -11.25 8.37 20.46
CA LEU B 150 -9.86 8.76 20.57
C LEU B 150 -8.95 7.54 20.60
N ASP B 151 -9.33 6.52 21.35
CA ASP B 151 -8.50 5.33 21.42
C ASP B 151 -8.43 4.64 20.07
N VAL B 152 -9.58 4.54 19.38
CA VAL B 152 -9.61 3.89 18.08
C VAL B 152 -8.73 4.62 17.09
N GLN B 153 -8.72 5.96 17.16
CA GLN B 153 -7.88 6.72 16.26
C GLN B 153 -6.41 6.55 16.59
N ARG B 154 -6.09 6.52 17.88
CA ARG B 154 -4.73 6.16 18.28
C ARG B 154 -4.29 4.86 17.62
N ASP B 155 -5.09 3.81 17.79
CA ASP B 155 -4.69 2.52 17.26
C ASP B 155 -4.66 2.48 15.73
N MET B 156 -5.57 3.18 15.07
CA MET B 156 -5.46 3.29 13.62
C MET B 156 -4.18 3.97 13.22
N ARG B 157 -3.79 5.03 13.92
CA ARG B 157 -2.54 5.68 13.60
C ARG B 157 -1.39 4.70 13.72
N ASN B 158 -1.39 3.88 14.78
CA ASN B 158 -0.36 2.87 14.92
C ASN B 158 -0.38 1.89 13.75
N ASP B 159 -1.58 1.47 13.35
CA ASP B 159 -1.70 0.56 12.23
C ASP B 159 -1.14 1.17 10.96
N LEU B 160 -1.40 2.45 10.73
CA LEU B 160 -0.94 3.10 9.51
C LEU B 160 0.57 3.23 9.51
N SER B 161 1.15 3.60 10.65
CA SER B 161 2.59 3.55 10.78
C SER B 161 3.14 2.18 10.40
N ASN B 162 2.50 1.13 10.91
CA ASN B 162 2.91 -0.22 10.56
C ASN B 162 2.91 -0.39 9.04
N LEU B 163 1.82 0.03 8.39
CA LEU B 163 1.70 -0.20 6.96
C LEU B 163 2.78 0.58 6.20
N THR B 164 3.10 1.79 6.68
CA THR B 164 4.13 2.57 6.01
C THR B 164 5.47 1.88 6.07
N ARG B 165 5.87 1.47 7.27
CA ARG B 165 7.09 0.69 7.36
C ARG B 165 7.07 -0.48 6.40
N LYS B 166 5.96 -1.21 6.33
CA LYS B 166 5.97 -2.41 5.50
C LYS B 166 6.11 -2.09 4.02
N VAL B 167 5.42 -1.04 3.55
CA VAL B 167 5.53 -0.72 2.13
C VAL B 167 6.95 -0.29 1.80
N ASP B 168 7.56 0.52 2.65
CA ASP B 168 8.93 0.92 2.36
C ASP B 168 9.86 -0.27 2.32
N ARG B 169 9.75 -1.15 3.32
CA ARG B 169 10.51 -2.38 3.30
C ARG B 169 10.42 -3.07 1.95
N MET B 170 9.21 -3.36 1.51
CA MET B 170 9.05 -4.10 0.26
C MET B 170 9.69 -3.33 -0.90
N ASP B 171 9.62 -2.00 -0.85
CA ASP B 171 10.24 -1.22 -1.91
C ASP B 171 11.73 -1.51 -1.99
N MET B 172 12.41 -1.42 -0.86
CA MET B 172 13.82 -1.75 -0.83
C MET B 172 14.04 -3.15 -1.41
N ARG B 173 13.21 -4.10 -1.00
CA ARG B 173 13.43 -5.49 -1.41
C ARG B 173 13.38 -5.63 -2.92
N LEU B 174 12.34 -5.07 -3.54
CA LEU B 174 12.22 -5.28 -4.98
C LEU B 174 13.30 -4.52 -5.75
N SER B 175 13.61 -3.29 -5.34
CA SER B 175 14.71 -2.61 -6.00
C SER B 175 15.97 -3.47 -5.98
N ARG B 176 16.31 -4.00 -4.81
CA ARG B 176 17.51 -4.84 -4.75
C ARG B 176 17.39 -6.01 -5.70
N ASN B 177 16.35 -6.82 -5.54
CA ASN B 177 16.27 -8.06 -6.29
C ASN B 177 16.28 -7.80 -7.79
N ASN B 178 15.80 -6.64 -8.22
CA ASN B 178 15.86 -6.36 -9.65
C ASN B 178 17.27 -5.99 -10.08
N ASN B 179 17.98 -5.18 -9.28
CA ASN B 179 19.40 -5.01 -9.59
C ASN B 179 20.08 -6.35 -9.69
N MET B 180 19.64 -7.31 -8.88
CA MET B 180 20.27 -8.62 -8.90
C MET B 180 20.22 -9.25 -10.29
N ILE B 181 19.03 -9.48 -10.84
CA ILE B 181 18.96 -10.01 -12.19
C ILE B 181 19.72 -9.14 -13.15
N MET B 182 19.50 -7.82 -13.07
CA MET B 182 20.12 -6.90 -14.01
C MET B 182 21.63 -7.09 -14.04
N ARG B 183 22.23 -7.46 -12.91
CA ARG B 183 23.68 -7.63 -12.87
C ARG B 183 24.17 -8.75 -13.77
N SER B 184 23.30 -9.71 -14.09
CA SER B 184 23.75 -10.86 -14.87
C SER B 184 24.09 -10.49 -16.31
N PHE B 185 23.70 -9.31 -16.76
CA PHE B 185 23.91 -8.92 -18.15
C PHE B 185 24.91 -7.79 -18.31
N ARG B 186 25.84 -7.63 -17.38
CA ARG B 186 26.81 -6.54 -17.42
C ARG B 186 26.11 -5.18 -17.53
N GLN B 187 24.98 -5.05 -16.85
CA GLN B 187 24.24 -3.80 -16.87
C GLN B 187 24.42 -3.08 -15.55
N PRO B 188 24.53 -1.75 -15.61
CA PRO B 188 24.74 -0.98 -14.39
C PRO B 188 23.55 -1.09 -13.46
N ILE B 189 23.83 -1.00 -12.17
CA ILE B 189 22.80 -1.05 -11.14
C ILE B 189 22.21 0.32 -10.93
N THR B 190 21.11 0.39 -10.19
CA THR B 190 20.45 1.64 -9.87
C THR B 190 20.53 1.90 -8.38
N GLU B 191 20.24 3.14 -8.00
CA GLU B 191 20.28 3.55 -6.61
C GLU B 191 19.19 2.78 -5.85
N VAL B 192 19.28 2.79 -4.54
CA VAL B 192 18.37 1.98 -3.72
C VAL B 192 17.86 2.80 -2.56
N PRO B 193 16.59 2.72 -2.19
CA PRO B 193 16.09 3.56 -1.11
C PRO B 193 16.56 3.04 0.23
N PHE B 194 16.36 3.86 1.25
CA PHE B 194 16.71 3.45 2.61
C PHE B 194 15.49 2.87 3.31
N PHE B 195 15.77 2.10 4.36
CA PHE B 195 14.77 1.38 5.13
C PHE B 195 13.65 2.30 5.61
N ASN B 196 13.85 3.61 5.55
CA ASN B 196 12.83 4.56 5.95
C ASN B 196 12.27 5.33 4.76
N GLY B 197 12.79 5.12 3.55
CA GLY B 197 12.20 5.66 2.35
C GLY B 197 12.99 6.73 1.62
N ASP B 198 13.63 7.65 2.32
CA ASP B 198 14.35 8.75 1.70
C ASP B 198 15.40 8.23 0.74
N ILE B 199 15.86 9.11 -0.14
CA ILE B 199 17.06 8.82 -0.91
C ILE B 199 18.23 9.04 0.02
N PRO B 200 19.34 8.34 -0.16
CA PRO B 200 20.48 8.48 0.75
C PRO B 200 20.96 9.93 0.84
N ASP B 201 21.88 10.17 1.76
CA ASP B 201 22.46 11.50 1.86
C ASP B 201 23.13 11.86 0.53
N PRO B 202 22.65 12.89 -0.16
CA PRO B 202 23.13 13.15 -1.52
C PRO B 202 24.61 13.47 -1.58
N ASN B 203 25.25 13.74 -0.45
CA ASN B 203 26.71 13.76 -0.41
C ASN B 203 27.30 12.37 -0.45
N LEU B 204 26.50 11.33 -0.19
CA LEU B 204 27.06 9.99 -0.17
C LEU B 204 27.06 9.41 -1.58
N PRO B 205 28.19 8.95 -2.03
CA PRO B 205 28.37 8.66 -3.46
C PRO B 205 27.43 7.58 -3.95
N ARG B 206 26.76 7.82 -5.07
CA ARG B 206 25.89 6.81 -5.66
C ARG B 206 26.72 5.61 -6.11
N ILE B 207 26.10 4.44 -6.17
CA ILE B 207 26.80 3.18 -6.31
C ILE B 207 26.49 2.62 -7.69
N THR B 208 27.53 2.16 -8.40
CA THR B 208 27.34 1.65 -9.76
C THR B 208 27.95 0.29 -9.99
N ARG B 209 29.03 -0.04 -9.30
CA ARG B 209 29.67 -1.32 -9.46
C ARG B 209 30.56 -1.59 -8.26
N ILE B 210 31.30 -2.69 -8.32
CA ILE B 210 31.87 -3.22 -7.10
C ILE B 210 33.06 -2.40 -6.64
N GLU B 211 33.97 -2.03 -7.55
CA GLU B 211 35.14 -1.27 -7.15
C GLU B 211 34.75 0.05 -6.51
N ASP B 212 33.61 0.61 -6.93
CA ASP B 212 33.07 1.78 -6.25
C ASP B 212 33.00 1.56 -4.75
N ILE B 213 32.39 0.45 -4.36
CA ILE B 213 32.40 0.08 -2.94
C ILE B 213 33.83 -0.10 -2.46
N ASP B 214 34.60 -0.91 -3.18
CA ASP B 214 35.92 -1.30 -2.70
C ASP B 214 36.83 -0.11 -2.47
N SER B 215 36.44 1.08 -2.93
CA SER B 215 37.23 2.28 -2.70
C SER B 215 36.65 3.16 -1.60
N LEU B 216 35.56 2.76 -0.96
CA LEU B 216 34.85 3.66 -0.07
C LEU B 216 35.56 3.78 1.27
N SER B 217 35.26 4.84 2.00
CA SER B 217 35.78 5.03 3.34
C SER B 217 34.98 4.22 4.35
N GLU B 218 35.61 3.96 5.50
CA GLU B 218 35.01 3.08 6.49
C GLU B 218 33.76 3.71 7.09
N GLU B 219 33.83 4.97 7.49
CA GLU B 219 32.66 5.61 8.08
C GLU B 219 31.50 5.60 7.11
N ASN B 220 31.79 5.79 5.82
CA ASN B 220 30.73 5.72 4.83
C ASN B 220 30.17 4.32 4.75
N CYS B 221 31.03 3.30 4.87
CA CYS B 221 30.54 1.93 4.91
C CYS B 221 29.55 1.75 6.04
N THR B 222 29.90 2.24 7.23
CA THR B 222 28.98 2.13 8.35
C THR B 222 27.68 2.87 8.06
N ARG B 223 27.79 4.09 7.54
CA ARG B 223 26.59 4.83 7.17
C ARG B 223 25.69 3.97 6.31
N TYR B 224 26.22 3.50 5.19
CA TYR B 224 25.45 2.61 4.33
C TYR B 224 24.82 1.48 5.13
N LEU B 225 25.64 0.68 5.79
CA LEU B 225 25.11 -0.47 6.52
C LEU B 225 23.95 -0.07 7.40
N LYS B 226 23.99 1.14 7.94
CA LYS B 226 22.84 1.62 8.68
C LYS B 226 21.68 1.88 7.73
N GLY B 227 21.98 2.44 6.56
CA GLY B 227 20.92 2.80 5.64
C GLY B 227 20.11 1.61 5.16
N TYR B 228 20.70 0.43 5.21
CA TYR B 228 19.99 -0.76 4.76
C TYR B 228 19.52 -1.63 5.91
N GLY B 229 19.58 -1.13 7.14
CA GLY B 229 19.07 -1.87 8.27
C GLY B 229 19.67 -3.24 8.47
N VAL B 230 20.90 -3.47 8.05
CA VAL B 230 21.54 -4.76 8.26
C VAL B 230 22.67 -4.62 9.26
N SER B 231 22.67 -5.48 10.27
CA SER B 231 23.61 -5.31 11.38
C SER B 231 24.95 -5.97 11.08
N TYR B 232 26.01 -5.33 11.53
CA TYR B 232 27.37 -5.80 11.33
C TYR B 232 28.09 -5.80 12.67
N ASP B 233 29.35 -6.22 12.64
CA ASP B 233 30.18 -6.22 13.83
C ASP B 233 31.18 -5.07 13.75
N GLU B 234 31.40 -4.41 14.88
CA GLU B 234 32.25 -3.23 14.93
C GLU B 234 33.73 -3.55 14.72
N ASN B 235 34.11 -4.81 14.85
CA ASN B 235 35.51 -5.20 14.75
C ASN B 235 35.83 -5.91 13.44
N ASP B 236 34.91 -6.69 12.91
CA ASP B 236 35.12 -7.50 11.71
C ASP B 236 34.84 -6.61 10.50
N GLN B 237 35.86 -5.85 10.10
CA GLN B 237 35.77 -5.12 8.85
C GLN B 237 35.61 -6.07 7.67
N SER B 238 36.14 -7.29 7.79
CA SER B 238 36.30 -8.19 6.65
C SER B 238 34.98 -8.52 5.99
N LEU B 239 33.86 -8.41 6.69
CA LEU B 239 32.62 -8.85 6.10
C LEU B 239 31.74 -7.69 5.67
N TRP B 240 32.12 -6.47 6.03
CA TRP B 240 31.33 -5.30 5.64
C TRP B 240 31.09 -5.28 4.15
N LYS B 241 32.17 -5.29 3.36
CA LYS B 241 32.04 -5.10 1.94
C LYS B 241 31.18 -6.20 1.31
N ARG B 242 31.46 -7.45 1.68
CA ARG B 242 30.65 -8.51 1.12
C ARG B 242 29.20 -8.37 1.50
N GLN B 243 28.91 -8.03 2.75
CA GLN B 243 27.51 -8.01 3.15
C GLN B 243 26.79 -6.83 2.52
N LEU B 244 27.51 -5.73 2.31
CA LEU B 244 26.90 -4.60 1.61
C LEU B 244 26.59 -4.97 0.18
N ALA B 245 27.54 -5.63 -0.49
CA ALA B 245 27.26 -6.14 -1.82
C ALA B 245 25.99 -6.97 -1.81
N LYS B 246 25.94 -7.98 -0.95
CA LYS B 246 24.77 -8.84 -0.89
C LYS B 246 23.52 -8.07 -0.52
N ALA B 247 23.68 -6.88 0.06
CA ALA B 247 22.49 -6.10 0.35
C ALA B 247 21.98 -5.38 -0.88
N VAL B 248 22.86 -4.74 -1.64
CA VAL B 248 22.37 -4.04 -2.83
C VAL B 248 22.06 -4.98 -3.97
N GLY B 249 22.80 -6.07 -4.12
CA GLY B 249 22.53 -7.04 -5.15
C GLY B 249 23.69 -7.43 -6.02
N LEU B 250 24.90 -6.99 -5.71
CA LEU B 250 26.06 -7.35 -6.53
C LEU B 250 26.28 -8.84 -6.35
N THR B 251 25.78 -9.62 -7.31
CA THR B 251 25.63 -11.05 -7.11
C THR B 251 26.30 -11.89 -8.20
N ALA B 252 26.76 -11.30 -9.29
CA ALA B 252 27.22 -12.07 -10.44
C ALA B 252 28.42 -12.94 -10.06
N ALA B 253 28.75 -13.86 -10.98
CA ALA B 253 29.91 -14.72 -10.78
C ALA B 253 31.18 -13.92 -10.59
N TYR B 254 31.38 -12.89 -11.42
CA TYR B 254 32.51 -12.01 -11.19
C TYR B 254 32.39 -11.31 -9.85
N ASP B 255 31.16 -10.99 -9.45
CA ASP B 255 30.95 -10.36 -8.16
C ASP B 255 31.40 -11.27 -7.03
N ALA B 256 31.37 -12.58 -7.26
CA ALA B 256 31.93 -13.49 -6.28
C ALA B 256 33.44 -13.62 -6.39
N SER B 257 33.97 -13.67 -7.62
CA SER B 257 35.39 -13.92 -7.79
C SER B 257 36.26 -12.72 -7.44
N TYR B 258 35.71 -11.52 -7.42
CA TYR B 258 36.50 -10.34 -7.10
C TYR B 258 36.88 -10.36 -5.63
N THR B 259 38.05 -9.81 -5.31
CA THR B 259 38.53 -9.75 -3.93
C THR B 259 38.52 -8.30 -3.47
N PHE B 260 37.88 -8.07 -2.32
CA PHE B 260 37.83 -6.73 -1.76
C PHE B 260 39.21 -6.30 -1.28
N SER B 261 39.43 -4.99 -1.27
CA SER B 261 40.68 -4.46 -0.77
C SER B 261 40.52 -4.04 0.69
N PRO B 262 41.60 -3.97 1.45
CA PRO B 262 41.51 -3.48 2.83
C PRO B 262 41.47 -1.95 2.86
N PHE B 263 41.10 -1.43 4.02
CA PHE B 263 41.02 0.01 4.18
C PHE B 263 42.40 0.62 4.38
N SER B 264 42.43 1.95 4.46
CA SER B 264 43.67 2.69 4.65
C SER B 264 44.11 2.65 6.10
N MET C 118 -38.57 29.41 50.73
CA MET C 118 -37.68 30.29 49.96
C MET C 118 -36.21 29.99 50.27
N GLY C 119 -35.93 29.60 51.52
CA GLY C 119 -34.61 29.05 51.83
C GLY C 119 -34.27 27.93 50.86
N GLU C 120 -35.09 26.87 50.88
CA GLU C 120 -34.86 25.72 50.01
C GLU C 120 -34.69 26.16 48.57
N TRP C 121 -35.49 27.14 48.13
CA TRP C 121 -35.28 27.72 46.80
C TRP C 121 -33.85 28.18 46.62
N LYS C 122 -33.32 28.89 47.62
CA LYS C 122 -31.96 29.41 47.52
C LYS C 122 -30.91 28.30 47.48
N LYS C 123 -31.00 27.34 48.40
CA LYS C 123 -30.02 26.26 48.36
C LYS C 123 -30.14 25.46 47.07
N ALA C 124 -31.38 25.29 46.63
CA ALA C 124 -31.61 24.57 45.43
C ALA C 124 -30.94 25.33 44.36
N ARG C 125 -31.11 26.64 44.39
CA ARG C 125 -30.48 27.49 43.40
C ARG C 125 -29.02 27.19 43.39
N GLU C 126 -28.43 27.13 44.57
CA GLU C 126 -26.99 27.00 44.60
C GLU C 126 -26.56 25.71 43.97
N GLU C 127 -27.25 24.62 44.29
CA GLU C 127 -26.83 23.35 43.80
C GLU C 127 -26.91 23.39 42.32
N ASP C 128 -27.98 24.00 41.82
CA ASP C 128 -28.14 24.15 40.38
C ASP C 128 -26.87 24.76 39.79
N LYS C 129 -26.43 25.88 40.33
CA LYS C 129 -25.23 26.49 39.77
C LYS C 129 -24.06 25.53 39.80
N GLU C 130 -23.86 24.82 40.91
CA GLU C 130 -22.79 23.83 40.91
C GLU C 130 -23.01 22.81 39.81
N TRP C 131 -24.26 22.35 39.66
CA TRP C 131 -24.59 21.47 38.55
C TRP C 131 -24.18 22.09 37.22
N ARG C 132 -24.40 23.39 37.10
CA ARG C 132 -23.96 24.10 35.90
C ARG C 132 -22.48 23.94 35.70
N LYS C 133 -21.70 24.00 36.78
CA LYS C 133 -20.25 23.94 36.64
C LYS C 133 -19.82 22.58 36.12
N SER C 134 -20.37 21.51 36.68
CA SER C 134 -20.11 20.18 36.14
C SER C 134 -20.47 20.11 34.68
N THR C 135 -21.66 20.59 34.33
CA THR C 135 -22.05 20.60 32.92
C THR C 135 -21.00 21.32 32.09
N ASP C 136 -20.55 22.48 32.57
CA ASP C 136 -19.63 23.31 31.82
C ASP C 136 -18.31 22.60 31.58
N GLU C 137 -17.76 21.99 32.63
CA GLU C 137 -16.45 21.36 32.50
C GLU C 137 -16.52 20.13 31.60
N ARG C 138 -17.63 19.38 31.67
CA ARG C 138 -17.81 18.29 30.73
C ARG C 138 -17.91 18.81 29.30
N LEU C 139 -18.59 19.95 29.12
CA LEU C 139 -18.65 20.54 27.80
C LEU C 139 -17.26 20.90 27.30
N GLU C 140 -16.43 21.43 28.19
CA GLU C 140 -15.04 21.68 27.81
C GLU C 140 -14.32 20.39 27.47
N ASN C 141 -14.63 19.32 28.21
CA ASN C 141 -14.10 18.00 27.88
C ASN C 141 -14.42 17.63 26.46
N LEU C 142 -15.68 17.81 26.06
CA LEU C 142 -16.06 17.57 24.68
C LEU C 142 -15.25 18.45 23.74
N LEU C 143 -15.16 19.74 24.05
CA LEU C 143 -14.45 20.67 23.19
C LEU C 143 -13.03 20.21 22.92
N ASN C 144 -12.23 20.00 23.97
CA ASN C 144 -10.83 19.69 23.70
C ASN C 144 -10.69 18.30 23.11
N ILE C 145 -11.51 17.34 23.53
CA ILE C 145 -11.35 16.00 22.99
C ILE C 145 -11.62 16.00 21.50
N VAL C 146 -12.65 16.72 21.07
CA VAL C 146 -12.94 16.74 19.64
C VAL C 146 -11.89 17.58 18.91
N ARG C 147 -11.30 18.56 19.60
CA ARG C 147 -10.16 19.24 18.99
C ARG C 147 -9.04 18.26 18.66
N GLU C 148 -8.63 17.46 19.65
CA GLU C 148 -7.59 16.49 19.38
C GLU C 148 -7.99 15.55 18.27
N ILE C 149 -9.26 15.16 18.23
CA ILE C 149 -9.71 14.26 17.18
C ILE C 149 -9.54 14.92 15.82
N LEU C 150 -9.92 16.19 15.71
CA LEU C 150 -9.77 16.89 14.45
C LEU C 150 -8.31 16.94 14.03
N ASP C 151 -7.42 17.21 14.99
CA ASP C 151 -6.00 17.27 14.64
C ASP C 151 -5.48 15.90 14.20
N VAL C 152 -5.90 14.86 14.91
CA VAL C 152 -5.46 13.50 14.57
C VAL C 152 -5.94 13.14 13.17
N GLN C 153 -7.15 13.54 12.82
CA GLN C 153 -7.65 13.24 11.48
C GLN C 153 -6.92 14.03 10.43
N ARG C 154 -6.61 15.29 10.71
CA ARG C 154 -5.75 16.06 9.83
C ARG C 154 -4.46 15.30 9.54
N ASP C 155 -3.76 14.88 10.59
CA ASP C 155 -2.48 14.23 10.40
C ASP C 155 -2.61 12.86 9.73
N MET C 156 -3.67 12.12 10.01
CA MET C 156 -3.90 10.88 9.27
C MET C 156 -4.10 11.17 7.79
N ARG C 157 -4.86 12.21 7.47
CA ARG C 157 -5.02 12.55 6.06
C ARG C 157 -3.68 12.83 5.42
N ASN C 158 -2.82 13.56 6.12
CA ASN C 158 -1.49 13.80 5.58
C ASN C 158 -0.73 12.51 5.37
N ASP C 159 -0.82 11.60 6.34
CA ASP C 159 -0.15 10.31 6.23
C ASP C 159 -0.66 9.53 5.02
N LEU C 160 -1.96 9.57 4.78
CA LEU C 160 -2.52 8.82 3.67
C LEU C 160 -2.10 9.41 2.34
N SER C 161 -2.09 10.74 2.24
CA SER C 161 -1.50 11.36 1.05
C SER C 161 -0.08 10.88 0.83
N ASN C 162 0.71 10.82 1.90
CA ASN C 162 2.07 10.31 1.78
C ASN C 162 2.06 8.91 1.18
N LEU C 163 1.19 8.04 1.71
CA LEU C 163 1.21 6.66 1.25
C LEU C 163 0.78 6.57 -0.21
N THR C 164 -0.15 7.43 -0.63
CA THR C 164 -0.58 7.40 -2.02
C THR C 164 0.56 7.78 -2.95
N ARG C 165 1.23 8.89 -2.65
CA ARG C 165 2.41 9.22 -3.43
C ARG C 165 3.37 8.05 -3.50
N LYS C 166 3.63 7.40 -2.37
CA LYS C 166 4.64 6.35 -2.38
C LYS C 166 4.22 5.15 -3.24
N VAL C 167 2.96 4.75 -3.15
CA VAL C 167 2.53 3.61 -3.95
C VAL C 167 2.62 3.94 -5.44
N ASP C 168 2.19 5.14 -5.83
CA ASP C 168 2.29 5.48 -7.24
C ASP C 168 3.73 5.49 -7.70
N ARG C 169 4.61 6.10 -6.92
CA ARG C 169 6.03 6.05 -7.23
C ARG C 169 6.48 4.63 -7.54
N MET C 170 6.26 3.72 -6.61
CA MET C 170 6.73 2.35 -6.81
C MET C 170 6.12 1.75 -8.07
N ASP C 171 4.88 2.10 -8.37
CA ASP C 171 4.26 1.59 -9.59
C ASP C 171 5.07 1.99 -10.80
N MET C 172 5.37 3.28 -10.92
CA MET C 172 6.20 3.73 -12.02
C MET C 172 7.49 2.94 -12.06
N ARG C 173 8.11 2.75 -10.90
CA ARG C 173 9.43 2.11 -10.86
C ARG C 173 9.37 0.71 -11.44
N LEU C 174 8.41 -0.09 -10.98
CA LEU C 174 8.37 -1.46 -11.44
C LEU C 174 7.99 -1.57 -12.91
N SER C 175 7.02 -0.77 -13.35
CA SER C 175 6.72 -0.79 -14.78
C SER C 175 7.97 -0.53 -15.60
N ARG C 176 8.74 0.51 -15.24
CA ARG C 176 9.95 0.78 -15.99
C ARG C 176 10.88 -0.42 -15.97
N ASN C 177 11.25 -0.85 -14.77
CA ASN C 177 12.29 -1.87 -14.67
C ASN C 177 11.89 -3.14 -15.41
N ASN C 178 10.58 -3.41 -15.51
CA ASN C 178 10.18 -4.59 -16.26
C ASN C 178 10.32 -4.36 -17.76
N ASN C 179 9.93 -3.19 -18.25
CA ASN C 179 10.26 -2.90 -19.64
C ASN C 179 11.73 -3.08 -19.89
N MET C 180 12.55 -2.77 -18.88
CA MET C 180 13.98 -2.89 -19.07
C MET C 180 14.40 -4.31 -19.44
N ILE C 181 14.09 -5.29 -18.60
CA ILE C 181 14.41 -6.67 -18.96
C ILE C 181 13.76 -7.02 -20.28
N MET C 182 12.49 -6.68 -20.43
CA MET C 182 11.76 -7.07 -21.63
C MET C 182 12.48 -6.59 -22.89
N ARG C 183 13.17 -5.46 -22.80
CA ARG C 183 13.85 -4.94 -23.97
C ARG C 183 14.97 -5.86 -24.46
N SER C 184 15.51 -6.71 -23.59
CA SER C 184 16.64 -7.54 -23.97
C SER C 184 16.26 -8.60 -24.99
N PHE C 185 14.98 -8.85 -25.19
CA PHE C 185 14.54 -9.91 -26.08
C PHE C 185 13.85 -9.40 -27.33
N ARG C 186 14.15 -8.18 -27.78
CA ARG C 186 13.49 -7.57 -28.93
C ARG C 186 11.96 -7.57 -28.77
N GLN C 187 11.52 -7.36 -27.54
CA GLN C 187 10.08 -7.33 -27.27
C GLN C 187 9.63 -5.89 -27.07
N PRO C 188 8.44 -5.56 -27.58
CA PRO C 188 7.95 -4.19 -27.45
C PRO C 188 7.72 -3.82 -25.99
N ILE C 189 7.88 -2.54 -25.70
CA ILE C 189 7.67 -2.01 -24.36
C ILE C 189 6.21 -1.68 -24.16
N THR C 190 5.83 -1.42 -22.92
CA THR C 190 4.47 -1.06 -22.58
C THR C 190 4.42 0.37 -22.07
N GLU C 191 3.21 0.92 -22.02
CA GLU C 191 3.01 2.29 -21.56
C GLU C 191 3.41 2.38 -20.09
N VAL C 192 3.58 3.58 -19.59
CA VAL C 192 4.09 3.77 -18.23
C VAL C 192 3.27 4.84 -17.53
N PRO C 193 2.93 4.68 -16.27
CA PRO C 193 2.09 5.68 -15.61
C PRO C 193 2.90 6.92 -15.29
N PHE C 194 2.20 7.97 -14.90
CA PHE C 194 2.85 9.19 -14.50
C PHE C 194 3.02 9.24 -12.99
N PHE C 195 3.96 10.07 -12.56
CA PHE C 195 4.33 10.22 -11.16
C PHE C 195 3.13 10.47 -10.26
N ASN C 196 1.99 10.83 -10.83
CA ASN C 196 0.78 11.05 -10.06
C ASN C 196 -0.28 9.99 -10.31
N GLY C 197 -0.03 9.05 -11.22
CA GLY C 197 -0.88 7.89 -11.39
C GLY C 197 -1.66 7.79 -12.68
N ASP C 198 -2.19 8.90 -13.20
CA ASP C 198 -3.01 8.89 -14.39
C ASP C 198 -2.26 8.28 -15.56
N ILE C 199 -3.00 7.90 -16.58
CA ILE C 199 -2.38 7.56 -17.87
C ILE C 199 -2.05 8.88 -18.52
N PRO C 200 -1.01 8.95 -19.35
CA PRO C 200 -0.63 10.21 -19.97
C PRO C 200 -1.77 10.84 -20.76
N ASP C 201 -1.56 12.07 -21.22
CA ASP C 201 -2.55 12.71 -22.05
C ASP C 201 -2.79 11.86 -23.30
N PRO C 202 -3.99 11.33 -23.48
CA PRO C 202 -4.21 10.35 -24.56
C PRO C 202 -3.97 10.93 -25.94
N ASN C 203 -3.85 12.24 -26.08
CA ASN C 203 -3.33 12.82 -27.31
C ASN C 203 -1.83 12.63 -27.44
N LEU C 204 -1.15 12.31 -26.34
CA LEU C 204 0.30 12.19 -26.41
C LEU C 204 0.67 10.78 -26.86
N PRO C 205 1.46 10.67 -27.90
CA PRO C 205 1.63 9.38 -28.58
C PRO C 205 2.23 8.32 -27.68
N ARG C 206 1.63 7.14 -27.66
CA ARG C 206 2.18 6.04 -26.89
C ARG C 206 3.53 5.64 -27.45
N ILE C 207 4.38 5.06 -26.61
CA ILE C 207 5.79 4.85 -26.91
C ILE C 207 6.03 3.35 -27.09
N THR C 208 6.76 2.98 -28.14
CA THR C 208 6.99 1.58 -28.42
C THR C 208 8.45 1.24 -28.66
N ARG C 209 9.24 2.17 -29.17
CA ARG C 209 10.65 1.92 -29.43
C ARG C 209 11.34 3.26 -29.60
N ILE C 210 12.62 3.19 -29.93
CA ILE C 210 13.46 4.36 -29.75
C ILE C 210 13.20 5.42 -30.80
N GLU C 211 13.09 5.02 -32.07
CA GLU C 211 12.86 6.01 -33.13
C GLU C 211 11.57 6.78 -32.89
N ASP C 212 10.59 6.14 -32.26
CA ASP C 212 9.38 6.84 -31.84
C ASP C 212 9.74 8.09 -31.05
N ILE C 213 10.59 7.95 -30.06
CA ILE C 213 11.09 9.12 -29.34
C ILE C 213 11.84 10.02 -30.30
N ASP C 214 12.80 9.46 -31.05
CA ASP C 214 13.69 10.28 -31.84
C ASP C 214 12.95 11.13 -32.87
N SER C 215 11.66 10.87 -33.07
CA SER C 215 10.86 11.67 -33.99
C SER C 215 9.97 12.67 -33.28
N LEU C 216 10.01 12.73 -31.95
CA LEU C 216 9.02 13.50 -31.22
C LEU C 216 9.33 15.00 -31.28
N SER C 217 8.31 15.81 -31.02
CA SER C 217 8.48 17.25 -30.94
C SER C 217 9.05 17.65 -29.58
N GLU C 218 9.66 18.84 -29.56
CA GLU C 218 10.36 19.28 -28.35
C GLU C 218 9.40 19.52 -27.20
N GLU C 219 8.30 20.23 -27.46
CA GLU C 219 7.35 20.50 -26.39
C GLU C 219 6.82 19.20 -25.81
N ASN C 220 6.61 18.20 -26.66
CA ASN C 220 6.17 16.91 -26.17
C ASN C 220 7.24 16.26 -25.32
N CYS C 221 8.50 16.43 -25.72
CA CYS C 221 9.59 15.93 -24.89
C CYS C 221 9.52 16.54 -23.50
N THR C 222 9.36 17.85 -23.43
CA THR C 222 9.23 18.49 -22.13
C THR C 222 8.04 17.95 -21.36
N ARG C 223 6.89 17.83 -22.02
CA ARG C 223 5.73 17.26 -21.37
C ARG C 223 6.10 15.93 -20.72
N TYR C 224 6.60 15.00 -21.53
CA TYR C 224 7.03 13.72 -20.98
C TYR C 224 7.94 13.92 -19.78
N LEU C 225 9.06 14.61 -19.97
CA LEU C 225 10.01 14.77 -18.87
C LEU C 225 9.31 15.24 -17.61
N LYS C 226 8.27 16.05 -17.76
CA LYS C 226 7.49 16.41 -16.60
C LYS C 226 6.71 15.20 -16.09
N GLY C 227 6.17 14.40 -17.01
CA GLY C 227 5.35 13.29 -16.60
C GLY C 227 6.09 12.26 -15.78
N TYR C 228 7.41 12.21 -15.92
CA TYR C 228 8.19 11.25 -15.16
C TYR C 228 8.95 11.88 -14.02
N GLY C 229 8.65 13.14 -13.68
CA GLY C 229 9.28 13.76 -12.54
C GLY C 229 10.79 13.82 -12.57
N VAL C 230 11.40 13.83 -13.75
CA VAL C 230 12.85 13.91 -13.82
C VAL C 230 13.25 15.26 -14.41
N SER C 231 14.16 15.95 -13.73
CA SER C 231 14.47 17.32 -14.09
C SER C 231 15.54 17.37 -15.18
N TYR C 232 15.40 18.33 -16.07
CA TYR C 232 16.30 18.54 -17.18
C TYR C 232 16.72 19.99 -17.22
N ASP C 233 17.57 20.32 -18.19
CA ASP C 233 18.01 21.69 -18.39
C ASP C 233 17.31 22.28 -19.60
N GLU C 234 16.91 23.54 -19.49
CA GLU C 234 16.14 24.20 -20.55
C GLU C 234 16.96 24.46 -21.79
N ASN C 235 18.28 24.39 -21.71
CA ASN C 235 19.14 24.72 -22.83
C ASN C 235 19.76 23.49 -23.47
N ASP C 236 20.07 22.47 -22.68
CA ASP C 236 20.76 21.27 -23.16
C ASP C 236 19.70 20.32 -23.70
N GLN C 237 19.33 20.52 -24.96
CA GLN C 237 18.49 19.55 -25.63
C GLN C 237 19.17 18.20 -25.73
N SER C 238 20.51 18.20 -25.78
CA SER C 238 21.26 17.00 -26.16
C SER C 238 21.00 15.83 -25.22
N LEU C 239 20.58 16.10 -23.99
CA LEU C 239 20.46 14.99 -23.05
C LEU C 239 19.01 14.58 -22.83
N TRP C 240 18.06 15.36 -23.35
CA TRP C 240 16.65 15.02 -23.17
C TRP C 240 16.38 13.60 -23.63
N LYS C 241 16.70 13.30 -24.88
CA LYS C 241 16.31 12.01 -25.44
C LYS C 241 16.93 10.87 -24.67
N ARG C 242 18.22 10.96 -24.38
CA ARG C 242 18.85 9.90 -23.63
C ARG C 242 18.22 9.75 -22.26
N GLN C 243 17.94 10.84 -21.57
CA GLN C 243 17.46 10.69 -20.21
C GLN C 243 16.04 10.17 -20.21
N LEU C 244 15.25 10.53 -21.22
CA LEU C 244 13.92 9.97 -21.33
C LEU C 244 13.97 8.49 -21.58
N ALA C 245 14.85 8.06 -22.48
CA ALA C 245 15.06 6.64 -22.68
C ALA C 245 15.37 5.97 -21.36
N LYS C 246 16.38 6.46 -20.65
CA LYS C 246 16.76 5.87 -19.38
C LYS C 246 15.63 5.95 -18.37
N ALA C 247 14.66 6.82 -18.58
CA ALA C 247 13.53 6.86 -17.68
C ALA C 247 12.53 5.75 -17.98
N VAL C 248 12.18 5.55 -19.24
CA VAL C 248 11.22 4.49 -19.55
C VAL C 248 11.84 3.11 -19.50
N GLY C 249 13.09 2.97 -19.89
CA GLY C 249 13.77 1.71 -19.82
C GLY C 249 14.47 1.24 -21.08
N LEU C 250 14.55 2.08 -22.10
CA LEU C 250 15.20 1.68 -23.34
C LEU C 250 16.68 1.54 -23.04
N THR C 251 17.11 0.30 -22.80
CA THR C 251 18.40 0.05 -22.18
C THR C 251 19.30 -0.89 -22.97
N ALA C 252 18.79 -1.55 -24.00
CA ALA C 252 19.55 -2.60 -24.67
C ALA C 252 20.83 -2.06 -25.29
N ALA C 253 21.68 -2.99 -25.70
CA ALA C 253 22.94 -2.60 -26.36
C ALA C 253 22.68 -1.76 -27.60
N TYR C 254 21.72 -2.17 -28.42
CA TYR C 254 21.34 -1.33 -29.54
C TYR C 254 20.81 0.00 -29.06
N ASP C 255 20.11 -0.01 -27.92
CA ASP C 255 19.59 1.24 -27.36
C ASP C 255 20.73 2.19 -27.01
N ALA C 256 21.90 1.63 -26.71
CA ALA C 256 23.07 2.48 -26.49
C ALA C 256 23.72 2.90 -27.80
N SER C 257 23.83 1.99 -28.76
CA SER C 257 24.56 2.28 -29.98
C SER C 257 23.81 3.22 -30.92
N TYR C 258 22.50 3.35 -30.78
CA TYR C 258 21.75 4.23 -31.66
C TYR C 258 22.07 5.68 -31.34
N THR C 259 22.03 6.53 -32.37
CA THR C 259 22.30 7.95 -32.19
C THR C 259 21.02 8.74 -32.40
N PHE C 260 20.70 9.59 -31.42
CA PHE C 260 19.52 10.42 -31.52
C PHE C 260 19.67 11.47 -32.61
N SER C 261 18.55 11.88 -33.18
CA SER C 261 18.58 12.92 -34.19
C SER C 261 18.30 14.28 -33.53
N PRO C 262 18.72 15.38 -34.15
CA PRO C 262 18.39 16.70 -33.61
C PRO C 262 16.98 17.12 -34.00
N PHE C 263 16.49 18.15 -33.34
CA PHE C 263 15.14 18.64 -33.61
C PHE C 263 15.11 19.48 -34.88
N SER C 264 13.90 19.88 -35.25
CA SER C 264 13.70 20.71 -36.44
C SER C 264 14.07 22.16 -36.18
N MET D 118 -35.72 39.76 45.52
CA MET D 118 -36.29 39.57 44.20
C MET D 118 -35.48 40.29 43.14
N GLY D 119 -34.90 41.45 43.50
CA GLY D 119 -33.91 42.07 42.63
C GLY D 119 -32.83 41.07 42.26
N GLU D 120 -32.12 40.55 43.27
CA GLU D 120 -31.07 39.58 43.04
C GLU D 120 -31.55 38.43 42.19
N TRP D 121 -32.78 37.97 42.43
CA TRP D 121 -33.38 36.96 41.56
C TRP D 121 -33.33 37.41 40.11
N LYS D 122 -33.72 38.65 39.85
CA LYS D 122 -33.74 39.15 38.48
C LYS D 122 -32.35 39.23 37.87
N LYS D 123 -31.39 39.83 38.58
CA LYS D 123 -30.05 39.89 38.01
C LYS D 123 -29.47 38.50 37.83
N ALA D 124 -29.82 37.62 38.76
CA ALA D 124 -29.34 36.25 38.68
C ALA D 124 -29.93 35.64 37.47
N ARG D 125 -31.21 35.88 37.25
CA ARG D 125 -31.88 35.34 36.08
C ARG D 125 -31.13 35.74 34.85
N GLU D 126 -30.80 37.02 34.78
CA GLU D 126 -30.17 37.52 33.56
C GLU D 126 -28.83 36.83 33.32
N GLU D 127 -28.06 36.65 34.38
CA GLU D 127 -26.76 36.05 34.23
C GLU D 127 -26.95 34.68 33.70
N ASP D 128 -27.97 34.01 34.24
CA ASP D 128 -28.29 32.70 33.73
C ASP D 128 -28.44 32.80 32.24
N LYS D 129 -29.22 33.77 31.76
CA LYS D 129 -29.43 33.80 30.33
C LYS D 129 -28.12 34.03 29.58
N GLU D 130 -27.29 34.95 30.04
CA GLU D 130 -25.99 35.11 29.40
C GLU D 130 -25.22 33.79 29.44
N TRP D 131 -25.23 33.12 30.58
CA TRP D 131 -24.64 31.80 30.67
C TRP D 131 -25.20 30.87 29.62
N ARG D 132 -26.50 30.98 29.38
CA ARG D 132 -27.13 30.20 28.33
C ARG D 132 -26.48 30.49 26.99
N LYS D 133 -26.18 31.76 26.74
CA LYS D 133 -25.62 32.13 25.44
C LYS D 133 -24.25 31.50 25.22
N SER D 134 -23.40 31.58 26.24
CA SER D 134 -22.12 30.89 26.18
C SER D 134 -22.32 29.41 25.90
N THR D 135 -23.19 28.78 26.67
CA THR D 135 -23.49 27.38 26.44
C THR D 135 -23.88 27.15 24.99
N ASP D 136 -24.75 28.00 24.47
CA ASP D 136 -25.28 27.81 23.13
C ASP D 136 -24.19 27.91 22.08
N GLU D 137 -23.32 28.92 22.20
CA GLU D 137 -22.30 29.11 21.19
C GLU D 137 -21.26 28.00 21.22
N ARG D 138 -20.94 27.51 22.43
CA ARG D 138 -20.07 26.35 22.51
C ARG D 138 -20.73 25.13 21.88
N LEU D 139 -22.04 24.98 22.08
CA LEU D 139 -22.74 23.88 21.43
C LEU D 139 -22.64 24.00 19.92
N GLU D 140 -22.76 25.21 19.41
CA GLU D 140 -22.55 25.41 17.98
C GLU D 140 -21.14 25.07 17.57
N ASN D 141 -20.18 25.39 18.44
CA ASN D 141 -18.79 25.00 18.21
C ASN D 141 -18.70 23.50 18.02
N LEU D 142 -19.34 22.74 18.91
CA LEU D 142 -19.38 21.29 18.75
C LEU D 142 -20.01 20.92 17.42
N LEU D 143 -21.15 21.52 17.10
CA LEU D 143 -21.85 21.20 15.88
C LEU D 143 -20.95 21.34 14.65
N ASN D 144 -20.39 22.52 14.44
CA ASN D 144 -19.64 22.71 13.21
C ASN D 144 -18.35 21.90 13.24
N ILE D 145 -17.70 21.79 14.40
CA ILE D 145 -16.44 21.05 14.41
C ILE D 145 -16.68 19.60 14.04
N VAL D 146 -17.75 19.01 14.56
CA VAL D 146 -18.00 17.61 14.23
C VAL D 146 -18.50 17.50 12.79
N ARG D 147 -19.13 18.55 12.28
CA ARG D 147 -19.43 18.55 10.85
C ARG D 147 -18.17 18.42 10.01
N GLU D 148 -17.19 19.29 10.29
CA GLU D 148 -15.94 19.20 9.54
C GLU D 148 -15.31 17.83 9.71
N ILE D 149 -15.39 17.27 10.91
CA ILE D 149 -14.80 15.95 11.12
C ILE D 149 -15.50 14.92 10.24
N LEU D 150 -16.82 14.97 10.18
CA LEU D 150 -17.54 14.03 9.34
C LEU D 150 -17.12 14.17 7.89
N ASP D 151 -16.98 15.41 7.42
CA ASP D 151 -16.58 15.61 6.03
C ASP D 151 -15.17 15.08 5.79
N VAL D 152 -14.26 15.34 6.73
CA VAL D 152 -12.89 14.89 6.58
C VAL D 152 -12.84 13.37 6.54
N GLN D 153 -13.67 12.71 7.34
CA GLN D 153 -13.69 11.26 7.33
C GLN D 153 -14.27 10.73 6.04
N ARG D 154 -15.32 11.37 5.53
CA ARG D 154 -15.82 11.05 4.20
C ARG D 154 -14.69 11.06 3.18
N ASP D 155 -13.99 12.19 3.12
CA ASP D 155 -12.90 12.32 2.18
C ASP D 155 -11.90 11.21 2.36
N MET D 156 -11.41 11.06 3.59
CA MET D 156 -10.40 10.03 3.83
C MET D 156 -10.88 8.68 3.32
N ARG D 157 -12.15 8.35 3.56
CA ARG D 157 -12.65 7.09 3.05
C ARG D 157 -12.52 7.04 1.54
N ASN D 158 -12.82 8.14 0.86
CA ASN D 158 -12.66 8.17 -0.59
C ASN D 158 -11.19 7.95 -0.96
N ASP D 159 -10.28 8.60 -0.23
CA ASP D 159 -8.87 8.45 -0.50
C ASP D 159 -8.43 7.00 -0.34
N LEU D 160 -8.93 6.32 0.70
CA LEU D 160 -8.53 4.95 0.95
C LEU D 160 -9.06 4.03 -0.12
N SER D 161 -10.31 4.24 -0.54
CA SER D 161 -10.80 3.51 -1.71
C SER D 161 -9.88 3.68 -2.90
N ASN D 162 -9.46 4.92 -3.15
CA ASN D 162 -8.52 5.18 -4.22
C ASN D 162 -7.28 4.32 -4.06
N LEU D 163 -6.71 4.30 -2.86
CA LEU D 163 -5.46 3.58 -2.66
C LEU D 163 -5.67 2.08 -2.86
N THR D 164 -6.83 1.56 -2.46
CA THR D 164 -7.09 0.14 -2.64
C THR D 164 -7.12 -0.21 -4.11
N ARG D 165 -7.90 0.53 -4.88
CA ARG D 165 -7.88 0.30 -6.32
C ARG D 165 -6.46 0.33 -6.86
N LYS D 166 -5.65 1.30 -6.44
CA LYS D 166 -4.33 1.40 -7.03
C LYS D 166 -3.45 0.21 -6.68
N VAL D 167 -3.49 -0.24 -5.43
CA VAL D 167 -2.65 -1.37 -5.06
C VAL D 167 -3.07 -2.61 -5.83
N ASP D 168 -4.37 -2.85 -5.95
CA ASP D 168 -4.79 -4.03 -6.69
C ASP D 168 -4.34 -3.95 -8.14
N ARG D 169 -4.54 -2.79 -8.77
CA ARG D 169 -4.03 -2.58 -10.11
C ARG D 169 -2.58 -3.03 -10.23
N MET D 170 -1.72 -2.46 -9.40
CA MET D 170 -0.30 -2.79 -9.52
C MET D 170 -0.07 -4.28 -9.33
N ASP D 171 -0.85 -4.91 -8.46
CA ASP D 171 -0.71 -6.34 -8.27
C ASP D 171 -0.91 -7.09 -9.57
N MET D 172 -2.02 -6.80 -10.24
CA MET D 172 -2.26 -7.41 -11.54
C MET D 172 -1.09 -7.17 -12.47
N ARG D 173 -0.58 -5.93 -12.48
CA ARG D 173 0.48 -5.58 -13.43
C ARG D 173 1.71 -6.44 -13.21
N LEU D 174 2.16 -6.54 -11.97
CA LEU D 174 3.39 -7.27 -11.74
C LEU D 174 3.22 -8.76 -11.97
N SER D 175 2.10 -9.33 -11.53
CA SER D 175 1.87 -10.74 -11.84
C SER D 175 1.99 -10.98 -13.33
N ARG D 176 1.32 -10.16 -14.14
CA ARG D 176 1.41 -10.36 -15.58
C ARG D 176 2.84 -10.29 -16.05
N ASN D 177 3.50 -9.16 -15.77
CA ASN D 177 4.82 -8.93 -16.34
C ASN D 177 5.79 -10.03 -15.93
N ASN D 178 5.59 -10.63 -14.76
CA ASN D 178 6.48 -11.72 -14.39
C ASN D 178 6.17 -12.99 -15.16
N ASN D 179 4.88 -13.31 -15.35
CA ASN D 179 4.59 -14.41 -16.28
C ASN D 179 5.25 -14.14 -17.62
N MET D 180 5.34 -12.88 -18.01
CA MET D 180 5.93 -12.56 -19.31
C MET D 180 7.36 -13.09 -19.41
N ILE D 181 8.26 -12.64 -18.53
CA ILE D 181 9.62 -13.16 -18.56
C ILE D 181 9.60 -14.66 -18.43
N MET D 182 8.83 -15.18 -17.48
CA MET D 182 8.82 -16.61 -17.23
C MET D 182 8.50 -17.39 -18.49
N ARG D 183 7.69 -16.83 -19.38
CA ARG D 183 7.33 -17.53 -20.59
C ARG D 183 8.53 -17.79 -21.50
N SER D 184 9.59 -16.99 -21.38
CA SER D 184 10.72 -17.13 -22.29
C SER D 184 11.48 -18.43 -22.07
N PHE D 185 11.24 -19.12 -20.96
CA PHE D 185 12.00 -20.32 -20.64
C PHE D 185 11.16 -21.59 -20.68
N ARG D 186 10.09 -21.61 -21.47
CA ARG D 186 9.19 -22.76 -21.53
C ARG D 186 8.68 -23.15 -20.14
N GLN D 187 8.44 -22.14 -19.32
CA GLN D 187 7.94 -22.39 -17.97
C GLN D 187 6.47 -22.04 -17.90
N PRO D 188 5.69 -22.85 -17.15
CA PRO D 188 4.25 -22.60 -17.06
C PRO D 188 3.98 -21.28 -16.37
N ILE D 189 2.86 -20.66 -16.76
CA ILE D 189 2.43 -19.40 -16.18
C ILE D 189 1.63 -19.65 -14.92
N THR D 190 1.37 -18.60 -14.16
CA THR D 190 0.60 -18.68 -12.94
C THR D 190 -0.71 -17.92 -13.10
N GLU D 191 -1.63 -18.18 -12.19
CA GLU D 191 -2.94 -17.52 -12.21
C GLU D 191 -2.74 -16.03 -11.98
N VAL D 192 -3.75 -15.24 -12.28
CA VAL D 192 -3.63 -13.79 -12.22
C VAL D 192 -4.84 -13.20 -11.53
N PRO D 193 -4.69 -12.20 -10.67
CA PRO D 193 -5.85 -11.67 -9.96
C PRO D 193 -6.69 -10.82 -10.88
N PHE D 194 -7.89 -10.49 -10.41
CA PHE D 194 -8.77 -9.62 -11.16
C PHE D 194 -8.60 -8.17 -10.71
N PHE D 195 -9.02 -7.26 -11.59
CA PHE D 195 -8.89 -5.83 -11.39
C PHE D 195 -9.45 -5.37 -10.05
N ASN D 196 -10.23 -6.22 -9.39
CA ASN D 196 -10.79 -5.89 -8.09
C ASN D 196 -10.17 -6.73 -6.97
N GLY D 197 -9.31 -7.67 -7.29
CA GLY D 197 -8.53 -8.38 -6.29
C GLY D 197 -8.84 -9.86 -6.11
N ASP D 198 -10.10 -10.26 -6.16
CA ASP D 198 -10.49 -11.64 -5.92
C ASP D 198 -9.77 -12.57 -6.89
N ILE D 199 -9.77 -13.85 -6.53
CA ILE D 199 -9.35 -14.87 -7.50
C ILE D 199 -10.54 -15.06 -8.42
N PRO D 200 -10.33 -15.44 -9.68
CA PRO D 200 -11.44 -15.58 -10.63
C PRO D 200 -12.49 -16.56 -10.12
N ASP D 201 -13.61 -16.63 -10.85
CA ASP D 201 -14.63 -17.60 -10.49
C ASP D 201 -14.04 -19.01 -10.54
N PRO D 202 -13.97 -19.71 -9.42
CA PRO D 202 -13.24 -20.99 -9.40
C PRO D 202 -13.82 -22.03 -10.32
N ASN D 203 -15.02 -21.82 -10.85
CA ASN D 203 -15.50 -22.63 -11.96
C ASN D 203 -14.83 -22.26 -13.27
N LEU D 204 -14.18 -21.10 -13.33
CA LEU D 204 -13.57 -20.69 -14.59
C LEU D 204 -12.17 -21.28 -14.69
N PRO D 205 -11.89 -21.97 -15.78
CA PRO D 205 -10.70 -22.82 -15.83
C PRO D 205 -9.42 -22.02 -15.69
N ARG D 206 -8.52 -22.48 -14.83
CA ARG D 206 -7.22 -21.83 -14.68
C ARG D 206 -6.44 -21.96 -15.98
N ILE D 207 -5.52 -21.02 -16.21
CA ILE D 207 -4.88 -20.85 -17.50
C ILE D 207 -3.41 -21.26 -17.36
N THR D 208 -2.92 -22.05 -18.32
CA THR D 208 -1.55 -22.53 -18.24
C THR D 208 -0.75 -22.30 -19.51
N ARG D 209 -1.39 -22.31 -20.66
CA ARG D 209 -0.71 -22.10 -21.93
C ARG D 209 -1.73 -21.70 -22.98
N ILE D 210 -1.26 -21.59 -24.21
CA ILE D 210 -2.03 -20.86 -25.20
C ILE D 210 -3.22 -21.68 -25.69
N GLU D 211 -3.02 -22.95 -25.99
CA GLU D 211 -4.11 -23.77 -26.49
C GLU D 211 -5.25 -23.84 -25.49
N ASP D 212 -4.93 -23.75 -24.20
CA ASP D 212 -5.97 -23.64 -23.18
C ASP D 212 -6.93 -22.53 -23.52
N ILE D 213 -6.41 -21.34 -23.82
CA ILE D 213 -7.27 -20.26 -24.30
C ILE D 213 -7.93 -20.67 -25.60
N ASP D 214 -7.15 -21.14 -26.56
CA ASP D 214 -7.68 -21.38 -27.90
C ASP D 214 -8.83 -22.38 -27.91
N SER D 215 -9.06 -23.07 -26.80
CA SER D 215 -10.16 -24.00 -26.70
C SER D 215 -11.33 -23.45 -25.91
N LEU D 216 -11.26 -22.21 -25.43
CA LEU D 216 -12.25 -21.72 -24.49
C LEU D 216 -13.54 -21.33 -25.19
N SER D 217 -14.63 -21.28 -24.44
CA SER D 217 -15.91 -20.82 -24.95
C SER D 217 -15.96 -19.30 -25.02
N GLU D 218 -16.85 -18.79 -25.88
CA GLU D 218 -16.91 -17.36 -26.12
C GLU D 218 -17.35 -16.59 -24.88
N GLU D 219 -18.42 -17.05 -24.24
CA GLU D 219 -18.89 -16.35 -23.05
C GLU D 219 -17.81 -16.29 -21.99
N ASN D 220 -17.03 -17.37 -21.86
CA ASN D 220 -15.93 -17.37 -20.92
C ASN D 220 -14.88 -16.36 -21.34
N CYS D 221 -14.63 -16.24 -22.64
CA CYS D 221 -13.72 -15.22 -23.12
C CYS D 221 -14.17 -13.84 -22.66
N THR D 222 -15.45 -13.55 -22.85
CA THR D 222 -15.95 -12.26 -22.40
C THR D 222 -15.80 -12.10 -20.91
N ARG D 223 -16.15 -13.13 -20.14
CA ARG D 223 -15.95 -13.08 -18.71
C ARG D 223 -14.53 -12.65 -18.39
N TYR D 224 -13.55 -13.41 -18.89
CA TYR D 224 -12.16 -13.05 -18.69
C TYR D 224 -11.92 -11.60 -19.05
N LEU D 225 -12.19 -11.22 -20.29
CA LEU D 225 -11.91 -9.85 -20.72
C LEU D 225 -12.47 -8.85 -19.73
N LYS D 226 -13.60 -9.17 -19.12
CA LYS D 226 -14.09 -8.30 -18.07
C LYS D 226 -13.19 -8.38 -16.85
N GLY D 227 -12.72 -9.58 -16.52
CA GLY D 227 -11.92 -9.75 -15.33
C GLY D 227 -10.62 -8.96 -15.36
N TYR D 228 -10.14 -8.64 -16.54
CA TYR D 228 -8.90 -7.90 -16.65
C TYR D 228 -9.12 -6.45 -17.02
N GLY D 229 -10.35 -5.97 -16.99
CA GLY D 229 -10.61 -4.57 -17.25
C GLY D 229 -10.15 -4.06 -18.59
N VAL D 230 -10.06 -4.91 -19.61
CA VAL D 230 -9.64 -4.46 -20.92
C VAL D 230 -10.82 -4.55 -21.88
N SER D 231 -11.09 -3.46 -22.59
CA SER D 231 -12.30 -3.37 -23.40
C SER D 231 -12.07 -3.98 -24.77
N TYR D 232 -13.10 -4.63 -25.29
CA TYR D 232 -13.09 -5.28 -26.58
C TYR D 232 -14.30 -4.84 -27.37
N ASP D 233 -14.41 -5.36 -28.59
CA ASP D 233 -15.56 -5.08 -29.44
C ASP D 233 -16.47 -6.30 -29.49
N GLU D 234 -17.78 -6.05 -29.45
CA GLU D 234 -18.75 -7.13 -29.39
C GLU D 234 -18.84 -7.92 -30.67
N ASN D 235 -18.31 -7.40 -31.77
CA ASN D 235 -18.42 -8.06 -33.06
C ASN D 235 -17.12 -8.69 -33.51
N ASP D 236 -15.98 -8.09 -33.19
CA ASP D 236 -14.67 -8.55 -33.65
C ASP D 236 -14.21 -9.63 -32.67
N GLN D 237 -14.65 -10.86 -32.91
CA GLN D 237 -14.09 -11.98 -32.17
C GLN D 237 -12.61 -12.13 -32.43
N SER D 238 -12.14 -11.72 -33.61
CA SER D 238 -10.80 -12.06 -34.08
C SER D 238 -9.71 -11.55 -33.16
N LEU D 239 -9.99 -10.53 -32.35
CA LEU D 239 -8.90 -9.95 -31.56
C LEU D 239 -9.00 -10.35 -30.10
N TRP D 240 -10.11 -10.97 -29.70
CA TRP D 240 -10.26 -11.40 -28.31
C TRP D 240 -9.08 -12.21 -27.85
N LYS D 241 -8.80 -13.31 -28.55
CA LYS D 241 -7.79 -14.24 -28.08
C LYS D 241 -6.43 -13.57 -27.99
N ARG D 242 -6.05 -12.84 -29.02
CA ARG D 242 -4.76 -12.18 -28.97
C ARG D 242 -4.71 -11.18 -27.83
N GLN D 243 -5.76 -10.40 -27.63
CA GLN D 243 -5.66 -9.37 -26.61
C GLN D 243 -5.66 -9.99 -25.21
N LEU D 244 -6.37 -11.10 -25.04
CA LEU D 244 -6.32 -11.79 -23.76
C LEU D 244 -4.93 -12.33 -23.50
N ALA D 245 -4.32 -12.94 -24.51
CA ALA D 245 -2.94 -13.36 -24.38
C ALA D 245 -2.08 -12.20 -23.92
N LYS D 246 -2.12 -11.10 -24.66
CA LYS D 246 -1.32 -9.94 -24.30
C LYS D 246 -1.68 -9.40 -22.93
N ALA D 247 -2.86 -9.74 -22.42
CA ALA D 247 -3.19 -9.30 -21.09
C ALA D 247 -2.53 -10.16 -20.03
N VAL D 248 -2.59 -11.49 -20.18
CA VAL D 248 -1.96 -12.33 -19.16
C VAL D 248 -0.45 -12.38 -19.30
N GLY D 249 0.08 -12.32 -20.50
CA GLY D 249 1.50 -12.31 -20.72
C GLY D 249 2.05 -13.31 -21.70
N LEU D 250 1.20 -14.03 -22.41
CA LEU D 250 1.68 -15.01 -23.37
C LEU D 250 2.35 -14.25 -24.50
N THR D 251 3.68 -14.17 -24.43
CA THR D 251 4.41 -13.20 -25.23
C THR D 251 5.53 -13.81 -26.07
N ALA D 252 5.87 -15.08 -25.85
CA ALA D 252 7.05 -15.66 -26.48
C ALA D 252 6.93 -15.65 -28.01
N ALA D 253 8.05 -15.93 -28.66
CA ALA D 253 8.06 -16.00 -30.12
C ALA D 253 7.07 -17.04 -30.63
N TYR D 254 7.03 -18.21 -30.01
CA TYR D 254 6.02 -19.18 -30.38
C TYR D 254 4.63 -18.63 -30.08
N ASP D 255 4.51 -17.85 -29.01
CA ASP D 255 3.22 -17.24 -28.70
C ASP D 255 2.77 -16.31 -29.81
N ALA D 256 3.72 -15.75 -30.55
CA ALA D 256 3.36 -14.96 -31.72
C ALA D 256 3.06 -15.82 -32.92
N SER D 257 3.86 -16.86 -33.15
CA SER D 257 3.72 -17.66 -34.37
C SER D 257 2.49 -18.56 -34.36
N TYR D 258 1.93 -18.86 -33.20
CA TYR D 258 0.77 -19.73 -33.13
C TYR D 258 -0.45 -19.01 -33.70
N THR D 259 -1.35 -19.76 -34.32
CA THR D 259 -2.57 -19.19 -34.89
C THR D 259 -3.76 -19.66 -34.07
N PHE D 260 -4.57 -18.69 -33.65
CA PHE D 260 -5.77 -19.00 -32.87
C PHE D 260 -6.80 -19.71 -33.75
N SER D 261 -7.63 -20.53 -33.12
CA SER D 261 -8.70 -21.20 -33.84
C SER D 261 -9.98 -20.41 -33.71
N PRO D 262 -10.92 -20.58 -34.64
CA PRO D 262 -12.23 -19.91 -34.51
C PRO D 262 -13.14 -20.67 -33.55
N PHE D 263 -14.21 -20.00 -33.15
CA PHE D 263 -15.16 -20.61 -32.23
C PHE D 263 -16.07 -21.59 -32.94
N SER D 264 -16.90 -22.27 -32.16
CA SER D 264 -17.86 -23.23 -32.69
C SER D 264 -19.06 -22.54 -33.31
#